data_3SH3
#
_entry.id   3SH3
#
_cell.length_a   58.820
_cell.length_b   66.873
_cell.length_c   107.345
_cell.angle_alpha   90.000
_cell.angle_beta   90.000
_cell.angle_gamma   90.000
#
_symmetry.space_group_name_H-M   'I 2 2 2'
#
loop_
_entity.id
_entity.type
_entity.pdbx_description
1 polymer 'Lectin alpha chain'
2 non-polymer 'MANGANESE (II) ION'
3 non-polymer 'CALCIUM ION'
4 non-polymer '5-bromo-4-chloro-1H-indol-3-yl alpha-D-mannopyranoside'
5 non-polymer 'CHLORIDE ION'
6 non-polymer D-VINYLGLYCINE
7 water water
#
_entity_poly.entity_id   1
_entity_poly.type   'polypeptide(L)'
_entity_poly.pdbx_seq_one_letter_code
;ADTIVAVELDSYPNTDIGDPNYPHIGIDIKSIRSKSTARWNMQTGKVGTVHISYNSVAKRLSAVVSYSGSSSTTVSYDVD
LNNVLPEWVRVGLSATTGLYKETNTILSWSFTSKLKTNSIADENSLHFSFHKFSQNPKDLILQGDAFTDSDGNLELTKVS
NSGDPQGNSVGRALFYAPVHIWEKSAVVASFDATFTFLIKSPDREPADGITFFIANTDTSIPSGSGGRLLGLFPDAN
;
_entity_poly.pdbx_strand_id   A
#
loop_
_chem_comp.id
_chem_comp.type
_chem_comp.name
_chem_comp.formula
A3B non-polymer D-VINYLGLYCINE 'C4 H7 N O2'
CA non-polymer 'CALCIUM ION' 'Ca 2'
CL non-polymer 'CHLORIDE ION' 'Cl -1'
MN non-polymer 'MANGANESE (II) ION' 'Mn 2'
XMM D-saccharide '5-bromo-4-chloro-1H-indol-3-yl alpha-D-mannopyranoside' 'C14 H15 Br Cl N O6'
#
# COMPACT_ATOMS: atom_id res chain seq x y z
N ALA A 1 -1.16 17.83 -7.96
CA ALA A 1 -0.58 16.54 -7.58
C ALA A 1 -1.13 16.01 -6.25
N ASP A 2 -1.28 14.69 -6.16
CA ASP A 2 -1.83 14.05 -4.95
C ASP A 2 -0.88 14.17 -3.76
N THR A 3 -1.42 14.05 -2.56
CA THR A 3 -0.63 13.99 -1.33
C THR A 3 -0.64 12.54 -0.89
N ILE A 4 0.54 11.94 -0.81
CA ILE A 4 0.65 10.52 -0.52
C ILE A 4 1.41 10.26 0.78
N VAL A 5 0.78 9.50 1.66
CA VAL A 5 1.50 8.80 2.72
C VAL A 5 1.29 7.32 2.41
N ALA A 6 2.39 6.57 2.33
CA ALA A 6 2.28 5.17 1.97
C ALA A 6 3.23 4.32 2.79
N VAL A 7 2.88 3.05 2.93
CA VAL A 7 3.82 2.04 3.37
C VAL A 7 4.05 1.18 2.15
N GLU A 8 5.28 1.13 1.68
CA GLU A 8 5.57 0.38 0.49
C GLU A 8 6.18 -0.96 0.81
N LEU A 9 5.69 -1.97 0.12
CA LEU A 9 6.34 -3.26 0.03
C LEU A 9 6.95 -3.30 -1.35
N ASP A 10 8.23 -3.05 -1.37
CA ASP A 10 8.98 -2.76 -2.55
C ASP A 10 9.83 -3.95 -2.95
N SER A 11 9.32 -4.74 -3.84
CA SER A 11 10.07 -5.90 -4.12
C SER A 11 11.33 -5.50 -4.87
N TYR A 12 11.28 -4.42 -5.65
CA TYR A 12 12.38 -4.22 -6.60
C TYR A 12 13.30 -3.05 -6.27
N PRO A 13 14.59 -3.32 -6.04
CA PRO A 13 15.48 -2.21 -5.67
C PRO A 13 15.79 -1.28 -6.84
N ASN A 14 15.32 -0.03 -6.75
CA ASN A 14 15.74 1.00 -7.70
C ASN A 14 16.69 1.97 -7.00
N THR A 15 17.97 1.62 -6.93
CA THR A 15 18.95 2.45 -6.22
C THR A 15 19.11 3.83 -6.85
N ASP A 16 18.85 3.91 -8.15
CA ASP A 16 19.00 5.17 -8.88
C ASP A 16 17.93 6.20 -8.54
N ILE A 17 16.91 5.80 -7.77
CA ILE A 17 15.91 6.73 -7.27
C ILE A 17 15.72 6.63 -5.76
N GLY A 18 16.78 6.22 -5.06
CA GLY A 18 16.81 6.32 -3.61
C GLY A 18 16.67 5.00 -2.89
N ASP A 19 16.24 3.96 -3.60
CA ASP A 19 16.11 2.64 -3.00
C ASP A 19 17.42 2.16 -2.47
N PRO A 20 17.36 1.49 -1.33
CA PRO A 20 18.48 0.70 -0.85
C PRO A 20 18.68 -0.53 -1.75
N ASN A 21 19.75 -1.30 -1.48
CA ASN A 21 20.22 -2.41 -2.31
C ASN A 21 19.26 -3.57 -2.53
N TYR A 22 18.11 -3.56 -1.88
CA TYR A 22 17.41 -4.81 -1.66
C TYR A 22 15.91 -4.58 -1.52
N PRO A 23 15.12 -5.62 -1.58
CA PRO A 23 13.71 -5.41 -1.28
C PRO A 23 13.55 -4.94 0.15
N HIS A 24 12.64 -4.02 0.32
CA HIS A 24 12.52 -3.30 1.54
C HIS A 24 11.08 -2.93 1.77
N ILE A 25 10.73 -2.73 3.02
CA ILE A 25 9.48 -2.09 3.36
CA ILE A 25 9.49 -2.08 3.38
C ILE A 25 9.85 -0.63 3.62
N GLY A 26 8.96 0.29 3.26
CA GLY A 26 9.29 1.68 3.39
C GLY A 26 8.13 2.54 3.81
N ILE A 27 8.43 3.59 4.57
CA ILE A 27 7.43 4.60 4.87
C ILE A 27 7.67 5.77 3.93
N ASP A 28 6.67 6.03 3.09
CA ASP A 28 6.77 7.07 2.09
C ASP A 28 5.90 8.23 2.49
N ILE A 29 6.53 9.39 2.66
CA ILE A 29 5.81 10.62 2.98
C ILE A 29 5.99 11.63 1.86
N LYS A 30 5.09 11.60 0.88
CA LYS A 30 5.05 12.59 -0.21
C LYS A 30 6.22 12.44 -1.17
N SER A 31 6.86 11.28 -1.14
CA SER A 31 7.93 10.97 -2.06
C SER A 31 8.14 9.47 -2.10
N ILE A 32 8.41 8.94 -3.28
CA ILE A 32 8.77 7.53 -3.43
C ILE A 32 10.06 7.26 -2.68
N ARG A 33 10.78 8.32 -2.33
CA ARG A 33 12.04 8.19 -1.63
C ARG A 33 11.76 8.06 -0.13
N SER A 34 11.75 6.81 0.33
CA SER A 34 11.33 6.50 1.70
C SER A 34 12.08 7.27 2.77
N LYS A 35 11.35 7.73 3.78
CA LYS A 35 11.92 8.42 4.93
C LYS A 35 12.58 7.40 5.83
N SER A 36 12.04 6.19 5.81
CA SER A 36 12.57 5.10 6.59
C SER A 36 12.34 3.81 5.82
N THR A 37 13.36 2.96 5.79
CA THR A 37 13.22 1.64 5.18
C THR A 37 13.78 0.59 6.11
N ALA A 38 13.36 -0.66 5.89
CA ALA A 38 13.94 -1.80 6.54
C ALA A 38 14.11 -2.84 5.47
N ARG A 39 15.12 -3.70 5.59
CA ARG A 39 15.32 -4.73 4.59
C ARG A 39 14.19 -5.73 4.67
N TRP A 40 13.59 -6.02 3.52
CA TRP A 40 12.45 -6.93 3.44
C TRP A 40 12.93 -8.23 2.85
N ASN A 41 13.05 -9.26 3.66
CA ASN A 41 13.47 -10.57 3.17
C ASN A 41 12.30 -11.30 2.53
N MET A 42 12.12 -11.09 1.23
CA MET A 42 10.94 -11.55 0.53
C MET A 42 10.79 -13.05 0.59
N GLN A 43 9.53 -13.50 0.52
CA GLN A 43 9.23 -14.92 0.43
C GLN A 43 8.21 -15.13 -0.67
N THR A 44 8.63 -14.77 -1.88
CA THR A 44 7.83 -14.89 -3.08
C THR A 44 7.15 -16.26 -3.15
N GLY A 45 5.84 -16.26 -3.36
CA GLY A 45 5.09 -17.50 -3.45
C GLY A 45 4.41 -17.85 -2.13
N LYS A 46 4.72 -17.07 -1.09
CA LYS A 46 4.09 -17.28 0.20
C LYS A 46 3.21 -16.09 0.55
N VAL A 47 2.14 -16.35 1.30
CA VAL A 47 1.22 -15.30 1.72
C VAL A 47 1.85 -14.40 2.79
N GLY A 48 1.91 -13.10 2.52
CA GLY A 48 2.48 -12.17 3.46
C GLY A 48 1.42 -11.36 4.19
N THR A 49 1.79 -10.84 5.36
CA THR A 49 0.88 -10.05 6.17
C THR A 49 1.53 -8.72 6.56
N VAL A 50 0.86 -7.62 6.26
CA VAL A 50 1.34 -6.31 6.66
C VAL A 50 0.42 -5.68 7.71
N HIS A 51 1.01 -5.23 8.82
CA HIS A 51 0.25 -4.45 9.80
C HIS A 51 0.80 -3.04 9.86
N ILE A 52 -0.09 -2.07 9.71
CA ILE A 52 0.29 -0.67 9.72
C ILE A 52 -0.50 0.04 10.79
N SER A 53 0.16 0.91 11.53
CA SER A 53 -0.52 1.65 12.58
C SER A 53 0.12 3.00 12.83
N TYR A 54 -0.68 3.89 13.41
CA TYR A 54 -0.28 5.25 13.70
C TYR A 54 -1.35 5.82 14.61
N ASN A 55 -0.93 6.67 15.54
CA ASN A 55 -1.87 7.54 16.24
C ASN A 55 -1.21 8.89 16.42
N SER A 56 -2.03 9.94 16.44
CA SER A 56 -1.55 11.30 16.39
C SER A 56 -0.88 11.75 17.68
N VAL A 57 -0.97 10.94 18.73
CA VAL A 57 -0.30 11.27 19.97
C VAL A 57 1.15 10.81 19.92
N ALA A 58 1.35 9.52 19.61
CA ALA A 58 2.70 8.99 19.45
C ALA A 58 3.38 9.51 18.19
N LYS A 59 2.58 9.81 17.17
CA LYS A 59 3.12 10.32 15.92
C LYS A 59 4.20 9.38 15.38
N ARG A 60 3.94 8.09 15.48
CA ARG A 60 4.85 7.11 14.92
C ARG A 60 4.08 6.21 13.97
N LEU A 61 4.33 6.38 12.68
CA LEU A 61 3.77 5.49 11.68
C LEU A 61 4.66 4.25 11.63
N SER A 62 4.07 3.09 11.84
CA SER A 62 4.85 1.88 11.89
C SER A 62 4.20 0.79 11.06
N ALA A 63 5.04 -0.01 10.43
CA ALA A 63 4.58 -1.09 9.58
C ALA A 63 5.42 -2.32 9.89
N VAL A 64 4.80 -3.49 9.81
CA VAL A 64 5.51 -4.74 9.99
C VAL A 64 5.00 -5.70 8.95
N VAL A 65 5.90 -6.42 8.30
CA VAL A 65 5.53 -7.46 7.35
C VAL A 65 6.09 -8.80 7.81
N SER A 66 5.31 -9.85 7.65
CA SER A 66 5.78 -11.18 8.01
C SER A 66 5.09 -12.24 7.18
N TYR A 67 5.68 -13.43 7.19
CA TYR A 67 5.07 -14.61 6.63
C TYR A 67 5.00 -15.58 7.79
N SER A 68 4.15 -16.58 7.70
CA SER A 68 4.00 -17.55 8.80
C SER A 68 5.35 -18.15 9.23
N GLY A 69 5.65 -18.04 10.52
CA GLY A 69 6.85 -18.66 11.08
C GLY A 69 8.16 -18.04 10.64
N SER A 70 8.08 -16.83 10.10
CA SER A 70 9.28 -16.12 9.64
C SER A 70 9.66 -15.01 10.60
N SER A 71 10.84 -14.45 10.40
CA SER A 71 11.22 -13.22 11.06
C SER A 71 10.36 -12.12 10.43
N SER A 72 9.84 -11.23 11.27
CA SER A 72 9.08 -10.09 10.77
C SER A 72 10.06 -9.00 10.35
N THR A 73 9.60 -8.08 9.51
CA THR A 73 10.38 -6.90 9.23
C THR A 73 9.55 -5.68 9.58
N THR A 74 10.07 -4.85 10.47
CA THR A 74 9.35 -3.67 10.93
C THR A 74 10.06 -2.42 10.44
N VAL A 75 9.28 -1.36 10.23
CA VAL A 75 9.87 -0.08 9.88
C VAL A 75 9.05 1.00 10.54
N SER A 76 9.70 2.03 11.05
CA SER A 76 9.00 3.12 11.70
C SER A 76 9.52 4.46 11.25
N TYR A 77 8.69 5.48 11.44
CA TYR A 77 9.04 6.85 11.10
C TYR A 77 8.18 7.80 11.92
N ASP A 78 8.84 8.62 12.73
CA ASP A 78 8.14 9.63 13.50
C ASP A 78 7.65 10.74 12.58
N VAL A 79 6.34 10.94 12.57
CA VAL A 79 5.71 11.88 11.66
C VAL A 79 4.32 12.25 12.18
N ASP A 80 4.06 13.55 12.25
CA ASP A 80 2.70 14.02 12.48
C ASP A 80 2.02 14.09 11.13
N LEU A 81 1.16 13.12 10.82
CA LEU A 81 0.52 13.05 9.51
C LEU A 81 -0.47 14.20 9.26
N ASN A 82 -0.79 14.97 10.30
CA ASN A 82 -1.64 16.14 10.15
C ASN A 82 -0.97 17.20 9.31
N ASN A 83 0.37 17.20 9.37
CA ASN A 83 1.15 18.17 8.62
C ASN A 83 1.31 17.76 7.16
N VAL A 84 0.89 16.53 6.85
CA VAL A 84 1.07 15.95 5.53
C VAL A 84 -0.25 15.84 4.78
N LEU A 85 -1.19 15.12 5.34
CA LEU A 85 -2.46 14.80 4.67
C LEU A 85 -3.53 15.84 4.97
N PRO A 86 -4.51 15.97 4.06
CA PRO A 86 -5.68 16.81 4.35
C PRO A 86 -6.54 16.10 5.40
N GLU A 87 -7.49 16.82 5.99
CA GLU A 87 -8.38 16.24 7.01
C GLU A 87 -9.09 14.98 6.52
N TRP A 88 -9.53 15.03 5.27
CA TRP A 88 -10.29 13.93 4.69
C TRP A 88 -9.45 13.22 3.64
N VAL A 89 -9.29 11.92 3.81
CA VAL A 89 -8.47 11.15 2.90
C VAL A 89 -9.22 9.93 2.41
N ARG A 90 -8.64 9.28 1.42
CA ARG A 90 -9.06 7.93 1.08
C ARG A 90 -7.88 7.03 1.35
N VAL A 91 -8.16 5.81 1.77
CA VAL A 91 -7.12 4.84 2.00
C VAL A 91 -7.19 3.84 0.86
N GLY A 92 -6.04 3.26 0.50
CA GLY A 92 -6.01 2.38 -0.64
C GLY A 92 -4.81 1.44 -0.61
N LEU A 93 -4.77 0.56 -1.60
CA LEU A 93 -3.63 -0.30 -1.84
C LEU A 93 -3.22 -0.10 -3.28
N SER A 94 -1.92 0.01 -3.52
CA SER A 94 -1.42 0.15 -4.88
C SER A 94 -0.36 -0.90 -5.17
N ALA A 95 -0.23 -1.25 -6.45
CA ALA A 95 0.85 -2.14 -6.87
C ALA A 95 1.26 -1.80 -8.28
N THR A 96 2.51 -2.13 -8.62
CA THR A 96 2.97 -2.00 -9.98
C THR A 96 3.83 -3.18 -10.40
N THR A 97 3.96 -3.32 -11.71
CA THR A 97 5.01 -4.12 -12.32
C THR A 97 5.62 -3.17 -13.33
N GLY A 98 6.77 -3.53 -13.87
CA GLY A 98 7.43 -2.71 -14.87
C GLY A 98 8.09 -3.63 -15.88
N LEU A 99 9.40 -3.46 -16.05
CA LEU A 99 10.16 -4.43 -16.84
C LEU A 99 10.03 -5.82 -16.19
N TYR A 100 10.05 -5.84 -14.87
CA TYR A 100 9.87 -7.07 -14.12
C TYR A 100 8.50 -7.10 -13.45
N LYS A 101 8.00 -8.30 -13.18
CA LYS A 101 6.68 -8.46 -12.63
C LYS A 101 6.57 -9.46 -11.51
N GLU A 102 5.37 -9.47 -10.96
CA GLU A 102 4.92 -10.29 -9.86
C GLU A 102 3.42 -10.13 -9.81
N THR A 103 2.73 -11.13 -9.31
CA THR A 103 1.34 -10.95 -8.97
C THR A 103 1.30 -10.01 -7.79
N ASN A 104 0.27 -9.20 -7.75
CA ASN A 104 0.06 -8.28 -6.65
C ASN A 104 -1.29 -8.55 -6.06
N THR A 105 -1.37 -9.68 -5.43
CA THR A 105 -2.60 -10.24 -4.99
C THR A 105 -2.87 -9.87 -3.57
N ILE A 106 -4.00 -9.23 -3.35
CA ILE A 106 -4.45 -8.95 -2.00
C ILE A 106 -5.52 -9.94 -1.59
N LEU A 107 -5.26 -10.65 -0.50
CA LEU A 107 -6.16 -11.70 -0.08
C LEU A 107 -7.10 -11.18 0.99
N SER A 108 -6.63 -10.20 1.74
CA SER A 108 -7.48 -9.51 2.71
C SER A 108 -6.97 -8.10 2.95
N TRP A 109 -7.87 -7.25 3.40
CA TRP A 109 -7.54 -5.87 3.70
C TRP A 109 -8.52 -5.37 4.73
N SER A 110 -8.01 -4.85 5.85
CA SER A 110 -8.87 -4.21 6.83
C SER A 110 -8.24 -2.89 7.24
N PHE A 111 -9.07 -2.01 7.80
CA PHE A 111 -8.64 -0.68 8.18
C PHE A 111 -9.59 -0.14 9.24
N THR A 112 -9.01 0.34 10.33
CA THR A 112 -9.78 0.98 11.37
C THR A 112 -9.22 2.37 11.61
N SER A 113 -10.05 3.39 11.44
CA SER A 113 -9.66 4.73 11.86
C SER A 113 -10.57 5.18 13.00
N LYS A 114 -10.02 6.02 13.87
CA LYS A 114 -10.75 6.53 15.00
C LYS A 114 -10.40 7.99 15.19
N LEU A 115 -11.39 8.76 15.62
CA LEU A 115 -11.21 10.18 15.75
C LEU A 115 -11.92 10.66 17.01
N LYS A 116 -11.16 10.81 18.09
CA LYS A 116 -11.66 11.40 19.32
C LYS A 116 -11.47 12.90 19.31
N THR A 117 -12.52 13.60 19.72
CA THR A 117 -12.50 15.05 19.83
C THR A 117 -12.98 15.42 21.23
N GLU A 123 -16.06 10.03 19.85
CA GLU A 123 -15.36 8.92 19.23
C GLU A 123 -15.99 8.62 17.89
N ASN A 124 -15.40 9.14 16.82
CA ASN A 124 -15.80 8.75 15.47
C ASN A 124 -14.91 7.61 14.99
N SER A 125 -15.43 6.81 14.07
CA SER A 125 -14.76 5.57 13.73
C SER A 125 -15.19 5.01 12.38
N LEU A 126 -14.22 4.45 11.67
CA LEU A 126 -14.49 3.72 10.45
C LEU A 126 -13.70 2.44 10.49
N HIS A 127 -14.40 1.32 10.37
CA HIS A 127 -13.73 0.05 10.24
C HIS A 127 -14.26 -0.62 8.97
N PHE A 128 -13.35 -1.11 8.14
CA PHE A 128 -13.73 -2.07 7.11
C PHE A 128 -12.72 -3.21 7.09
N SER A 129 -13.20 -4.41 6.76
CA SER A 129 -12.31 -5.53 6.56
C SER A 129 -12.84 -6.46 5.48
N PHE A 130 -11.97 -6.77 4.52
CA PHE A 130 -12.29 -7.67 3.44
C PHE A 130 -11.45 -8.95 3.55
N HIS A 131 -12.09 -10.10 3.44
CA HIS A 131 -11.37 -11.37 3.36
C HIS A 131 -11.65 -11.93 1.98
N LYS A 132 -12.89 -11.75 1.55
CA LYS A 132 -13.26 -11.95 0.16
C LYS A 132 -13.40 -10.60 -0.51
N PHE A 133 -13.06 -10.56 -1.78
CA PHE A 133 -13.38 -9.40 -2.60
C PHE A 133 -14.39 -9.84 -3.66
N SER A 134 -15.54 -9.18 -3.69
CA SER A 134 -16.62 -9.56 -4.60
C SER A 134 -16.30 -9.17 -6.03
N GLN A 135 -16.91 -9.85 -6.99
CA GLN A 135 -16.64 -9.59 -8.41
C GLN A 135 -16.87 -8.14 -8.78
N ASN A 136 -17.86 -7.52 -8.14
CA ASN A 136 -18.11 -6.10 -8.30
C ASN A 136 -18.07 -5.38 -6.96
N PRO A 137 -16.87 -4.93 -6.55
CA PRO A 137 -16.72 -4.28 -5.24
C PRO A 137 -17.20 -2.83 -5.30
N LYS A 138 -18.44 -2.60 -4.88
CA LYS A 138 -19.05 -1.27 -4.89
C LYS A 138 -18.41 -0.34 -3.86
N ASP A 139 -17.84 -0.94 -2.82
CA ASP A 139 -17.21 -0.17 -1.74
C ASP A 139 -15.72 0.01 -2.03
N LEU A 140 -15.30 -0.49 -3.18
CA LEU A 140 -13.94 -0.23 -3.63
C LEU A 140 -13.95 0.60 -4.90
N ILE A 141 -13.01 1.54 -4.95
CA ILE A 141 -12.72 2.27 -6.16
C ILE A 141 -11.49 1.63 -6.77
N LEU A 142 -11.72 0.84 -7.83
CA LEU A 142 -10.64 0.16 -8.52
C LEU A 142 -10.05 1.09 -9.56
N GLN A 143 -8.73 1.27 -9.51
CA GLN A 143 -8.07 2.15 -10.47
C GLN A 143 -7.04 1.39 -11.28
N GLY A 144 -6.99 1.68 -12.58
CA GLY A 144 -6.03 1.05 -13.47
C GLY A 144 -6.34 -0.40 -13.71
N ASP A 145 -5.34 -1.25 -13.51
CA ASP A 145 -5.48 -2.66 -13.85
C ASP A 145 -6.07 -3.48 -12.70
N ALA A 146 -6.41 -2.80 -11.61
CA ALA A 146 -6.96 -3.47 -10.43
C ALA A 146 -8.25 -4.20 -10.75
N PHE A 147 -8.37 -5.43 -10.26
CA PHE A 147 -9.56 -6.22 -10.50
C PHE A 147 -9.67 -7.33 -9.47
N THR A 148 -10.89 -7.80 -9.22
CA THR A 148 -11.07 -8.95 -8.33
C THR A 148 -11.28 -10.20 -9.17
N ASP A 149 -10.60 -11.29 -8.81
CA ASP A 149 -10.68 -12.52 -9.60
C ASP A 149 -11.68 -13.53 -9.04
N SER A 150 -11.76 -14.68 -9.68
CA SER A 150 -12.79 -15.67 -9.37
C SER A 150 -12.55 -16.41 -8.06
N ASP A 151 -11.39 -16.14 -7.46
CA ASP A 151 -11.09 -16.65 -6.13
C ASP A 151 -11.46 -15.60 -5.09
N GLY A 152 -12.03 -14.50 -5.55
CA GLY A 152 -12.37 -13.39 -4.66
C GLY A 152 -11.14 -12.67 -4.17
N ASN A 153 -10.06 -12.80 -4.93
CA ASN A 153 -8.81 -12.11 -4.61
C ASN A 153 -8.74 -10.77 -5.33
N LEU A 154 -8.24 -9.76 -4.63
CA LEU A 154 -7.99 -8.46 -5.25
C LEU A 154 -6.62 -8.50 -5.95
N GLU A 155 -6.64 -8.43 -7.28
CA GLU A 155 -5.42 -8.39 -8.07
C GLU A 155 -5.16 -6.96 -8.51
N LEU A 156 -4.14 -6.35 -7.94
CA LEU A 156 -3.85 -4.93 -8.21
C LEU A 156 -3.29 -4.73 -9.61
N THR A 157 -2.57 -5.73 -10.10
CA THR A 157 -1.95 -5.62 -11.42
C THR A 157 -2.32 -6.77 -12.32
N LYS A 158 -2.20 -6.54 -13.63
CA LYS A 158 -2.62 -7.52 -14.62
C LYS A 158 -1.98 -8.88 -14.38
N VAL A 159 -2.82 -9.90 -14.35
CA VAL A 159 -2.38 -11.30 -14.33
C VAL A 159 -3.14 -12.04 -15.42
N SER A 160 -2.41 -12.79 -16.24
CA SER A 160 -3.04 -13.55 -17.32
C SER A 160 -4.00 -14.60 -16.77
N ASN A 161 -4.65 -15.33 -17.68
CA ASN A 161 -5.56 -16.39 -17.27
C ASN A 161 -4.85 -17.55 -16.57
N SER A 162 -3.68 -17.92 -17.09
CA SER A 162 -2.87 -18.94 -16.45
C SER A 162 -2.38 -18.43 -15.09
N GLY A 163 -2.52 -17.12 -14.87
CA GLY A 163 -2.18 -16.52 -13.60
C GLY A 163 -0.77 -15.97 -13.55
N ASP A 164 -0.17 -15.78 -14.73
CA ASP A 164 1.15 -15.19 -14.81
C ASP A 164 1.01 -13.66 -14.73
N PRO A 165 1.83 -13.01 -13.89
CA PRO A 165 1.73 -11.55 -13.83
C PRO A 165 2.25 -10.93 -15.12
N GLN A 166 1.69 -9.78 -15.48
CA GLN A 166 2.14 -9.04 -16.65
C GLN A 166 2.91 -7.81 -16.18
N GLY A 167 3.91 -7.41 -16.95
CA GLY A 167 4.72 -6.24 -16.61
C GLY A 167 4.03 -4.95 -17.00
N ASN A 168 4.62 -3.83 -16.60
CA ASN A 168 4.09 -2.51 -16.96
C ASN A 168 2.63 -2.33 -16.59
N SER A 169 2.25 -2.93 -15.47
CA SER A 169 0.89 -2.79 -14.97
C SER A 169 0.87 -1.93 -13.72
N VAL A 170 -0.23 -1.21 -13.54
CA VAL A 170 -0.46 -0.42 -12.34
C VAL A 170 -1.92 -0.58 -11.96
N GLY A 171 -2.20 -0.64 -10.67
CA GLY A 171 -3.57 -0.72 -10.22
C GLY A 171 -3.67 -0.42 -8.75
N ARG A 172 -4.82 0.13 -8.34
CA ARG A 172 -5.09 0.34 -6.94
C ARG A 172 -6.55 0.13 -6.62
N ALA A 173 -6.82 -0.09 -5.35
CA ALA A 173 -8.18 -0.15 -4.83
C ALA A 173 -8.24 0.87 -3.72
N LEU A 174 -9.21 1.76 -3.79
CA LEU A 174 -9.43 2.71 -2.73
C LEU A 174 -10.72 2.32 -2.00
N PHE A 175 -10.71 2.33 -0.68
CA PHE A 175 -11.98 2.17 0.00
C PHE A 175 -12.87 3.32 -0.43
N TYR A 176 -14.12 3.00 -0.74
CA TYR A 176 -15.04 3.98 -1.30
C TYR A 176 -15.24 5.20 -0.39
N ALA A 177 -15.44 4.94 0.90
CA ALA A 177 -15.74 6.03 1.83
C ALA A 177 -14.49 6.80 2.24
N PRO A 178 -14.55 8.14 2.10
CA PRO A 178 -13.47 8.98 2.62
C PRO A 178 -13.33 8.85 4.12
N VAL A 179 -12.09 8.87 4.60
CA VAL A 179 -11.80 8.75 6.02
C VAL A 179 -11.44 10.12 6.59
N HIS A 180 -11.98 10.42 7.74
CA HIS A 180 -11.68 11.66 8.39
C HIS A 180 -10.54 11.34 9.34
N ILE A 181 -9.32 11.58 8.91
CA ILE A 181 -8.17 11.12 9.68
C ILE A 181 -7.69 12.11 10.69
N TRP A 182 -8.22 13.30 10.63
CA TRP A 182 -7.91 14.24 11.65
C TRP A 182 -8.81 15.41 11.52
N GLU A 183 -8.86 16.19 12.57
CA GLU A 183 -9.77 17.30 12.62
C GLU A 183 -9.41 18.29 13.71
N LYS A 184 -9.59 19.56 13.45
CA LYS A 184 -9.18 20.62 14.37
C LYS A 184 -9.31 20.33 15.85
N SER A 185 -10.43 19.79 16.26
CA SER A 185 -10.72 19.58 17.66
C SER A 185 -10.31 18.22 18.15
N ALA A 186 -9.78 17.42 17.23
CA ALA A 186 -9.37 16.07 17.54
C ALA A 186 -8.43 16.05 18.66
N VAL A 187 -8.68 15.18 19.61
CA VAL A 187 -7.74 14.96 20.71
C VAL A 187 -6.74 13.87 20.29
N VAL A 188 -7.25 12.86 19.60
CA VAL A 188 -6.40 11.82 19.03
C VAL A 188 -7.09 11.15 17.85
N ALA A 189 -6.37 11.10 16.73
CA ALA A 189 -6.79 10.35 15.56
C ALA A 189 -5.81 9.19 15.40
N SER A 190 -6.35 8.01 15.09
CA SER A 190 -5.49 6.86 14.89
C SER A 190 -6.06 6.04 13.76
N PHE A 191 -5.20 5.28 13.09
CA PHE A 191 -5.68 4.28 12.16
C PHE A 191 -4.77 3.07 12.22
N ASP A 192 -5.36 1.91 11.97
CA ASP A 192 -4.60 0.69 11.80
C ASP A 192 -5.05 0.09 10.47
N ALA A 193 -4.16 -0.65 9.83
CA ALA A 193 -4.49 -1.30 8.58
C ALA A 193 -3.79 -2.64 8.54
N THR A 194 -4.50 -3.65 8.07
CA THR A 194 -3.89 -4.93 7.78
C THR A 194 -4.23 -5.31 6.36
N PHE A 195 -3.26 -5.80 5.62
CA PHE A 195 -3.57 -6.53 4.40
C PHE A 195 -2.67 -7.74 4.32
N THR A 196 -3.17 -8.79 3.69
CA THR A 196 -2.37 -9.96 3.40
C THR A 196 -2.24 -10.00 1.90
N PHE A 197 -1.10 -10.50 1.42
CA PHE A 197 -0.77 -10.40 0.01
C PHE A 197 -0.06 -11.65 -0.46
N LEU A 198 -0.21 -11.95 -1.75
CA LEU A 198 0.54 -13.03 -2.34
C LEU A 198 1.30 -12.47 -3.54
N ILE A 199 2.62 -12.41 -3.40
CA ILE A 199 3.46 -12.05 -4.54
C ILE A 199 4.08 -13.32 -5.12
N LYS A 200 3.70 -13.63 -6.34
CA LYS A 200 4.31 -14.74 -7.06
C LYS A 200 5.02 -14.14 -8.26
N SER A 201 6.19 -14.67 -8.58
CA SER A 201 6.90 -14.23 -9.76
C SER A 201 7.79 -15.32 -10.36
N PRO A 202 7.91 -15.32 -11.69
CA PRO A 202 8.91 -16.10 -12.43
C PRO A 202 10.26 -15.39 -12.44
N ASP A 203 10.25 -14.07 -12.65
CA ASP A 203 11.48 -13.26 -12.63
C ASP A 203 12.31 -13.52 -11.37
N ARG A 204 13.64 -13.60 -11.51
CA ARG A 204 14.46 -13.75 -10.31
C ARG A 204 14.51 -12.44 -9.54
N GLU A 205 14.03 -11.37 -10.18
CA GLU A 205 13.79 -10.11 -9.48
C GLU A 205 12.34 -9.67 -9.69
N PRO A 206 11.46 -10.08 -8.78
CA PRO A 206 10.06 -9.63 -8.82
C PRO A 206 10.00 -8.11 -8.76
N ALA A 207 9.05 -7.51 -9.46
CA ALA A 207 8.82 -6.08 -9.36
C ALA A 207 7.33 -5.81 -9.54
N ASP A 208 6.84 -4.66 -9.08
CA ASP A 208 7.66 -3.66 -8.40
C ASP A 208 7.29 -3.48 -6.92
N GLY A 209 6.07 -3.86 -6.56
CA GLY A 209 5.70 -3.82 -5.15
C GLY A 209 4.23 -3.54 -4.89
N ILE A 210 3.92 -3.44 -3.59
CA ILE A 210 2.56 -3.15 -3.14
C ILE A 210 2.67 -2.07 -2.07
N THR A 211 1.70 -1.17 -2.03
CA THR A 211 1.64 -0.22 -0.92
C THR A 211 0.24 -0.16 -0.34
N PHE A 212 0.16 0.11 0.95
CA PHE A 212 -1.04 0.67 1.52
C PHE A 212 -0.79 2.15 1.51
N PHE A 213 -1.78 2.93 1.11
CA PHE A 213 -1.55 4.36 1.06
C PHE A 213 -2.77 5.19 1.49
N ILE A 214 -2.47 6.39 1.95
CA ILE A 214 -3.48 7.35 2.32
C ILE A 214 -3.23 8.58 1.45
N ALA A 215 -4.30 9.09 0.86
CA ALA A 215 -4.15 10.21 -0.06
C ALA A 215 -5.34 11.14 0.00
N ASN A 216 -5.20 12.31 -0.61
CA ASN A 216 -6.34 13.19 -0.85
C ASN A 216 -7.45 12.35 -1.46
N THR A 217 -8.69 12.64 -1.09
CA THR A 217 -9.83 11.80 -1.48
C THR A 217 -9.97 11.61 -2.99
N ASP A 218 -9.59 12.62 -3.76
CA ASP A 218 -9.69 12.57 -5.22
C ASP A 218 -8.45 11.96 -5.89
N THR A 219 -7.62 11.30 -5.08
CA THR A 219 -6.41 10.65 -5.59
C THR A 219 -6.68 9.76 -6.80
N SER A 220 -5.90 9.96 -7.86
CA SER A 220 -5.93 9.06 -9.00
C SER A 220 -4.51 8.60 -9.34
N ILE A 221 -4.40 7.57 -10.15
CA ILE A 221 -3.09 7.11 -10.59
C ILE A 221 -2.39 8.20 -11.40
N PRO A 222 -1.27 8.73 -10.86
CA PRO A 222 -0.53 9.79 -11.54
C PRO A 222 0.04 9.26 -12.84
N SER A 223 0.01 10.07 -13.89
CA SER A 223 0.66 9.67 -15.13
C SER A 223 2.13 9.46 -14.81
N GLY A 224 2.72 8.42 -15.38
CA GLY A 224 4.13 8.13 -15.14
C GLY A 224 4.43 7.53 -13.76
N SER A 225 3.39 7.08 -13.07
CA SER A 225 3.56 6.45 -11.76
C SER A 225 3.86 4.97 -11.88
N GLY A 226 4.20 4.53 -13.08
CA GLY A 226 4.43 3.12 -13.34
C GLY A 226 5.65 2.55 -12.66
N GLY A 227 5.69 1.22 -12.55
CA GLY A 227 6.84 0.52 -11.99
C GLY A 227 7.30 1.01 -10.64
N ARG A 228 8.57 1.45 -10.59
CA ARG A 228 9.22 1.81 -9.34
C ARG A 228 8.53 2.94 -8.59
N LEU A 229 7.52 3.54 -9.20
CA LEU A 229 6.88 4.67 -8.61
C LEU A 229 5.59 4.19 -7.93
N LEU A 230 5.26 3.00 -8.20
CA LEU A 230 4.27 2.20 -7.48
C LEU A 230 2.83 2.67 -7.58
N GLY A 231 2.58 3.44 -8.58
CA GLY A 231 1.26 4.00 -8.82
C GLY A 231 0.90 5.12 -7.88
N LEU A 232 1.91 5.64 -7.16
CA LEU A 232 1.68 6.65 -6.12
C LEU A 232 2.20 8.05 -6.46
N PHE A 233 3.30 8.11 -7.20
CA PHE A 233 3.95 9.39 -7.47
C PHE A 233 4.17 9.60 -8.97
N PRO A 234 4.16 10.87 -9.41
CA PRO A 234 4.36 11.25 -10.81
C PRO A 234 5.83 11.32 -11.19
N ASP A 235 6.69 11.34 -10.18
CA ASP A 235 8.13 11.41 -10.38
C ASP A 235 8.87 10.82 -9.18
N ALA A 236 10.19 10.74 -9.27
CA ALA A 236 11.00 10.12 -8.24
C ALA A 236 11.61 11.13 -7.29
N ASN A 237 11.08 12.34 -7.26
CA ASN A 237 11.68 13.42 -6.49
C ASN A 237 11.53 13.24 -4.99
MN MN B . 11.68 1.91 -2.56
CA CA C . 11.50 0.07 -5.98
O2 XMM D . 9.61 0.06 -15.21
C2 XMM D . 10.96 0.30 -14.83
C3 XMM D . 11.08 0.55 -13.44
O3 XMM D . 10.23 1.61 -13.01
C4 XMM D . 10.94 -0.65 -12.64
O4 XMM D . 11.16 -0.40 -11.26
C5 XMM D . 11.65 -1.80 -13.15
O5 XMM D . 11.69 -1.92 -14.54
C6 XMM D . 11.27 -3.11 -12.46
O6 XMM D . 10.06 -3.70 -12.85
C1 XMM D . 11.87 -0.71 -15.24
O1 XMM D . 13.22 -0.26 -15.15
C7 XMM D . 14.09 -1.37 -15.34
C8 XMM D . 14.85 -1.43 -16.44
C9 XMM D . 15.94 -2.38 -16.15
N1 XMM D . 15.73 -2.83 -14.83
C11 XMM D . 14.85 -1.98 -14.21
C10 XMM D . 14.77 -0.79 -17.77
CL XMM D . 13.43 0.37 -18.03
C13 XMM D . 15.70 -1.07 -18.77
BR XMM D . 15.55 -0.21 -20.52
C14 XMM D . 16.81 -2.03 -18.48
C12 XMM D . 16.90 -2.67 -17.17
CL CL E . 17.53 -4.30 -15.18
CAA A3B F . -11.89 8.46 11.48
CAE A3B F . -12.97 7.98 10.58
CAG A3B F . -13.77 9.01 9.85
CAF A3B F . -15.02 9.25 10.63
OAD A3B F . -15.19 8.59 11.69
OAC A3B F . -15.90 10.08 10.25
NAB A3B F . -14.07 8.54 8.53
#